data_6XA3
#
_entry.id   6XA3
#
_cell.length_a   154.498
_cell.length_b   154.498
_cell.length_c   91.824
_cell.angle_alpha   90.000
_cell.angle_beta   90.000
_cell.angle_gamma   90.000
#
_symmetry.space_group_name_H-M   'I 4 2 2'
#
loop_
_entity.id
_entity.type
_entity.pdbx_description
1 polymer TamI
2 non-polymer 'PROTOPORPHYRIN IX CONTAINING FE'
3 water water
#
_entity_poly.entity_id   1
_entity_poly.type   'polypeptide(L)'
_entity_poly.pdbx_seq_one_letter_code
;MGSHHHHHHHHGSDYDIPTTENLYFQGSEFVPMLQDSVPLELDDAFMQDPHSVYARLNAEGSAHRVMMPPGVPVCGGLPV
WLITGYEEVRSALADPRLSTDLNRTDRLFAQNEPDRNKRGAFSSALATHMLHSDPPDHTRLRKLVNKAFTSRAIEKLRPE
IEQITGELLAALPDEDPVDLLDAFAFPLPIRVICLLLGVPLEEQENFKSWSKALVSGDSPAATAAASTAMIEYLGDLIER
KRRTPTDDVLAALVSARDVDDRLTETELVSMAFLLFIGGHETTVNTLGNGTLHLMRNLDQWEALRQDRSLLPGAVEEFLR
LESPLKHATFRCATEDLRIGDTAIPAGDFVLLALASANRDPERFGDPHTLDVRRPTGGHVAFGHGIHYCLGAPLARMEAQ
VAFGVLLDTFPAMRLAVDPEDMRWRTSTLIRGLHSLPVRLNR
;
_entity_poly.pdbx_strand_id   A
#
# COMPACT_ATOMS: atom_id res chain seq x y z
N TYR A 15 -23.08 -5.39 -33.72
CA TYR A 15 -23.33 -4.00 -33.34
C TYR A 15 -24.49 -3.41 -34.14
N ASP A 16 -25.06 -4.22 -35.03
CA ASP A 16 -26.20 -3.80 -35.84
C ASP A 16 -27.49 -4.11 -35.07
N ILE A 17 -27.66 -3.40 -33.96
CA ILE A 17 -28.83 -3.59 -33.10
C ILE A 17 -30.08 -3.16 -33.87
N PRO A 18 -31.20 -3.89 -33.77
CA PRO A 18 -32.41 -3.50 -34.51
C PRO A 18 -32.82 -2.07 -34.18
N THR A 19 -33.13 -1.31 -35.23
CA THR A 19 -33.42 0.12 -35.07
C THR A 19 -34.72 0.34 -34.29
N THR A 20 -35.74 -0.47 -34.55
CA THR A 20 -37.00 -0.32 -33.83
C THR A 20 -36.83 -0.60 -32.35
N GLU A 21 -36.01 -1.60 -32.00
CA GLU A 21 -35.70 -1.85 -30.60
C GLU A 21 -35.01 -0.65 -29.97
N ASN A 22 -34.04 -0.07 -30.67
CA ASN A 22 -33.35 1.11 -30.15
C ASN A 22 -34.29 2.30 -30.03
N LEU A 23 -35.12 2.53 -31.07
CA LEU A 23 -36.09 3.61 -31.00
C LEU A 23 -37.11 3.38 -29.89
N TYR A 24 -37.43 2.12 -29.60
CA TYR A 24 -38.32 1.82 -28.49
C TYR A 24 -37.69 2.22 -27.17
N PHE A 25 -36.39 1.96 -26.99
CA PHE A 25 -35.73 2.29 -25.73
C PHE A 25 -35.49 3.80 -25.61
N GLN A 26 -35.05 4.44 -26.70
CA GLN A 26 -34.77 5.88 -26.64
C GLN A 26 -36.04 6.68 -26.35
N GLY A 27 -37.14 6.33 -27.01
CA GLY A 27 -38.40 7.04 -26.78
C GLY A 27 -39.09 6.67 -25.48
N SER A 28 -38.66 5.60 -24.81
CA SER A 28 -39.27 5.20 -23.55
C SER A 28 -39.05 6.22 -22.45
N GLU A 29 -38.02 7.05 -22.55
CA GLU A 29 -37.58 8.01 -21.55
C GLU A 29 -37.05 7.34 -20.29
N PHE A 30 -37.07 6.01 -20.22
CA PHE A 30 -36.29 5.29 -19.21
C PHE A 30 -34.82 5.23 -19.58
N VAL A 31 -34.45 5.68 -20.77
CA VAL A 31 -33.06 5.53 -21.23
C VAL A 31 -32.05 6.18 -20.31
N PRO A 32 -32.26 7.38 -19.75
CA PRO A 32 -31.24 7.91 -18.83
C PRO A 32 -31.14 7.12 -17.54
N MET A 33 -32.28 6.69 -16.99
CA MET A 33 -32.26 5.95 -15.73
C MET A 33 -31.52 4.62 -15.87
N LEU A 34 -31.77 3.89 -16.95
CA LEU A 34 -31.02 2.67 -17.19
C LEU A 34 -29.55 2.97 -17.49
N GLN A 35 -29.29 4.05 -18.22
CA GLN A 35 -27.92 4.45 -18.50
C GLN A 35 -27.18 4.81 -17.22
N ASP A 36 -27.88 5.42 -16.25
CA ASP A 36 -27.26 5.82 -14.99
C ASP A 36 -26.89 4.59 -14.15
N SER A 37 -27.75 3.57 -14.14
CA SER A 37 -27.56 2.44 -13.25
C SER A 37 -26.39 1.55 -13.64
N VAL A 38 -25.78 1.76 -14.80
CA VAL A 38 -24.63 0.93 -15.18
C VAL A 38 -23.44 1.29 -14.29
N PRO A 39 -22.67 0.30 -13.81
CA PRO A 39 -21.47 0.63 -13.02
C PRO A 39 -20.36 1.16 -13.92
N LEU A 40 -19.73 2.25 -13.48
CA LEU A 40 -18.65 2.87 -14.25
C LEU A 40 -17.44 1.94 -14.26
N GLU A 41 -17.05 1.49 -15.44
CA GLU A 41 -15.89 0.62 -15.57
C GLU A 41 -14.62 1.44 -15.43
N LEU A 42 -13.69 0.95 -14.62
CA LEU A 42 -12.44 1.66 -14.34
C LEU A 42 -11.45 1.36 -15.45
N ASP A 43 -11.43 2.22 -16.46
CA ASP A 43 -10.52 2.07 -17.58
C ASP A 43 -9.08 2.36 -17.13
N ASP A 44 -8.14 2.15 -18.05
CA ASP A 44 -6.74 2.44 -17.76
C ASP A 44 -6.50 3.93 -17.52
N ALA A 45 -7.37 4.79 -18.05
CA ALA A 45 -7.25 6.22 -17.76
C ALA A 45 -7.40 6.48 -16.27
N PHE A 46 -8.32 5.77 -15.61
CA PHE A 46 -8.39 5.84 -14.15
C PHE A 46 -7.10 5.34 -13.52
N MET A 47 -6.52 4.26 -14.07
CA MET A 47 -5.30 3.71 -13.51
C MET A 47 -4.15 4.72 -13.58
N GLN A 48 -4.07 5.48 -14.67
CA GLN A 48 -3.02 6.49 -14.80
C GLN A 48 -3.35 7.73 -13.99
N ASP A 49 -4.57 8.26 -14.14
CA ASP A 49 -4.97 9.52 -13.52
C ASP A 49 -6.31 9.34 -12.81
N PRO A 50 -6.30 8.76 -11.61
CA PRO A 50 -7.56 8.57 -10.88
C PRO A 50 -7.96 9.79 -10.07
N HIS A 51 -6.98 10.65 -9.74
CA HIS A 51 -7.26 11.81 -8.91
C HIS A 51 -8.25 12.74 -9.58
N SER A 52 -8.16 12.90 -10.90
CA SER A 52 -9.19 13.63 -11.63
C SER A 52 -10.52 12.90 -11.57
N VAL A 53 -10.49 11.56 -11.64
CA VAL A 53 -11.73 10.79 -11.56
C VAL A 53 -12.35 10.91 -10.18
N TYR A 54 -11.53 10.85 -9.12
CA TYR A 54 -12.06 11.00 -7.77
C TYR A 54 -12.70 12.37 -7.58
N ALA A 55 -12.03 13.43 -8.06
CA ALA A 55 -12.59 14.76 -7.96
C ALA A 55 -13.86 14.89 -8.79
N ARG A 56 -13.88 14.27 -9.97
CA ARG A 56 -15.08 14.28 -10.81
C ARG A 56 -16.25 13.59 -10.10
N LEU A 57 -15.96 12.55 -9.32
CA LEU A 57 -17.03 11.82 -8.63
C LEU A 57 -17.46 12.54 -7.36
N ASN A 58 -16.50 12.98 -6.54
CA ASN A 58 -16.85 13.64 -5.29
C ASN A 58 -17.62 14.94 -5.51
N ALA A 59 -17.54 15.52 -6.70
CA ALA A 59 -18.33 16.72 -6.99
C ALA A 59 -19.82 16.43 -6.94
N GLU A 60 -20.23 15.20 -7.25
CA GLU A 60 -21.65 14.85 -7.29
C GLU A 60 -22.11 14.05 -6.09
N GLY A 61 -21.22 13.30 -5.44
CA GLY A 61 -21.63 12.49 -4.31
C GLY A 61 -20.43 11.85 -3.64
N SER A 62 -20.72 11.04 -2.63
CA SER A 62 -19.67 10.37 -1.87
C SER A 62 -19.54 8.89 -2.20
N ALA A 63 -20.61 8.22 -2.61
CA ALA A 63 -20.57 6.80 -2.97
C ALA A 63 -21.01 6.65 -4.42
N HIS A 64 -20.27 5.84 -5.18
CA HIS A 64 -20.52 5.66 -6.60
C HIS A 64 -20.31 4.20 -6.96
N ARG A 65 -21.22 3.66 -7.77
CA ARG A 65 -21.13 2.29 -8.25
C ARG A 65 -20.10 2.22 -9.37
N VAL A 66 -18.95 1.60 -9.09
CA VAL A 66 -17.88 1.45 -10.05
C VAL A 66 -17.63 -0.04 -10.26
N MET A 67 -16.87 -0.34 -11.32
CA MET A 67 -16.56 -1.72 -11.68
C MET A 67 -15.12 -1.80 -12.14
N MET A 68 -14.34 -2.65 -11.50
CA MET A 68 -12.97 -2.89 -11.93
C MET A 68 -12.95 -3.71 -13.22
N PRO A 69 -11.95 -3.51 -14.07
CA PRO A 69 -11.83 -4.32 -15.28
C PRO A 69 -11.44 -5.74 -14.94
N PRO A 70 -11.69 -6.69 -15.84
CA PRO A 70 -11.30 -8.09 -15.57
C PRO A 70 -9.79 -8.21 -15.36
N GLY A 71 -9.40 -8.69 -14.18
CA GLY A 71 -8.00 -8.84 -13.84
C GLY A 71 -7.77 -9.22 -12.39
N PRO A 73 -9.53 -7.66 -8.81
CA PRO A 73 -10.31 -8.88 -8.59
C PRO A 73 -10.31 -9.78 -9.83
N VAL A 74 -10.17 -11.09 -9.61
CA VAL A 74 -9.80 -12.03 -10.66
C VAL A 74 -10.80 -12.04 -11.81
N CYS A 75 -10.36 -11.55 -12.97
CA CYS A 75 -10.97 -11.82 -14.27
C CYS A 75 -12.42 -11.36 -14.37
N GLY A 76 -12.89 -10.64 -13.37
CA GLY A 76 -14.30 -10.28 -13.29
C GLY A 76 -14.48 -8.80 -13.09
N GLY A 77 -15.52 -8.26 -13.72
CA GLY A 77 -15.89 -6.88 -13.51
C GLY A 77 -16.73 -6.78 -12.26
N LEU A 78 -16.11 -6.34 -11.16
CA LEU A 78 -16.72 -6.45 -9.84
C LEU A 78 -17.37 -5.12 -9.46
N PRO A 79 -18.70 -5.06 -9.38
CA PRO A 79 -19.38 -3.82 -8.96
C PRO A 79 -19.22 -3.62 -7.46
N VAL A 80 -18.56 -2.52 -7.08
CA VAL A 80 -18.36 -2.16 -5.69
C VAL A 80 -18.81 -0.71 -5.49
N TRP A 81 -18.64 -0.22 -4.27
CA TRP A 81 -18.91 1.17 -3.93
C TRP A 81 -17.58 1.89 -3.73
N LEU A 82 -17.36 2.95 -4.50
CA LEU A 82 -16.18 3.78 -4.36
C LEU A 82 -16.55 5.01 -3.55
N ILE A 83 -15.87 5.22 -2.43
CA ILE A 83 -16.16 6.31 -1.50
C ILE A 83 -15.05 7.33 -1.60
N THR A 84 -15.42 8.60 -1.77
CA THR A 84 -14.50 9.64 -2.20
C THR A 84 -14.18 10.68 -1.15
N GLY A 85 -15.18 11.18 -0.42
CA GLY A 85 -14.93 12.30 0.48
C GLY A 85 -13.98 11.94 1.60
N TYR A 86 -13.25 12.95 2.08
CA TYR A 86 -12.27 12.72 3.14
C TYR A 86 -12.93 12.22 4.42
N GLU A 87 -13.94 12.95 4.90
CA GLU A 87 -14.64 12.52 6.10
C GLU A 87 -15.46 11.26 5.85
N GLU A 88 -16.00 11.10 4.63
CA GLU A 88 -16.75 9.90 4.30
C GLU A 88 -15.83 8.68 4.23
N VAL A 89 -14.61 8.86 3.74
CA VAL A 89 -13.62 7.80 3.79
C VAL A 89 -13.20 7.53 5.22
N ARG A 90 -12.91 8.60 5.97
CA ARG A 90 -12.37 8.45 7.32
C ARG A 90 -13.36 7.76 8.25
N SER A 91 -14.64 8.13 8.17
CA SER A 91 -15.66 7.49 9.00
C SER A 91 -15.82 6.02 8.62
N ALA A 92 -15.70 5.71 7.33
CA ALA A 92 -15.84 4.33 6.88
C ALA A 92 -14.71 3.46 7.42
N LEU A 93 -13.49 3.99 7.49
CA LEU A 93 -12.36 3.22 7.99
C LEU A 93 -12.49 2.91 9.48
N ALA A 94 -13.34 3.63 10.20
CA ALA A 94 -13.58 3.39 11.62
C ALA A 94 -14.97 2.81 11.89
N ASP A 95 -15.73 2.53 10.84
CA ASP A 95 -17.10 2.05 11.01
C ASP A 95 -17.10 0.57 11.36
N PRO A 96 -17.72 0.17 12.48
CA PRO A 96 -17.83 -1.26 12.79
C PRO A 96 -18.68 -2.03 11.79
N ARG A 97 -19.52 -1.35 11.01
CA ARG A 97 -20.38 -2.00 10.03
C ARG A 97 -19.69 -2.24 8.69
N LEU A 98 -18.43 -1.84 8.55
CA LEU A 98 -17.66 -2.05 7.33
C LEU A 98 -16.47 -2.95 7.68
N SER A 99 -16.65 -4.25 7.51
CA SER A 99 -15.67 -5.25 7.89
C SER A 99 -14.82 -5.64 6.69
N THR A 100 -13.56 -5.99 6.98
CA THR A 100 -12.66 -6.54 5.97
C THR A 100 -12.82 -8.06 5.83
N ASP A 101 -13.59 -8.69 6.70
CA ASP A 101 -13.94 -10.10 6.56
C ASP A 101 -15.13 -10.20 5.61
N LEU A 102 -14.89 -10.71 4.41
CA LEU A 102 -15.89 -10.68 3.35
C LEU A 102 -16.99 -11.72 3.53
N ASN A 103 -16.88 -12.61 4.53
CA ASN A 103 -17.91 -13.61 4.77
C ASN A 103 -19.15 -12.97 5.38
N ARG A 104 -19.89 -12.22 4.58
CA ARG A 104 -21.11 -11.56 5.03
C ARG A 104 -21.97 -11.14 3.85
N PHE A 122 -9.69 -25.52 7.59
CA PHE A 122 -8.71 -25.78 6.55
C PHE A 122 -8.23 -24.49 5.91
N SER A 123 -8.21 -23.42 6.69
CA SER A 123 -7.81 -22.11 6.20
C SER A 123 -6.28 -21.99 6.24
N SER A 124 -5.71 -21.55 5.12
CA SER A 124 -4.27 -21.36 5.04
C SER A 124 -3.84 -20.15 5.86
N ALA A 125 -2.53 -20.05 6.09
CA ALA A 125 -1.99 -18.88 6.77
C ALA A 125 -2.21 -17.60 5.98
N LEU A 126 -2.45 -17.73 4.67
CA LEU A 126 -2.69 -16.58 3.81
C LEU A 126 -4.11 -16.03 3.92
N ALA A 127 -5.02 -16.77 4.57
CA ALA A 127 -6.39 -16.33 4.74
C ALA A 127 -6.75 -16.01 6.18
N THR A 128 -5.89 -16.36 7.13
CA THR A 128 -6.18 -16.18 8.56
C THR A 128 -5.46 -14.98 9.17
N HIS A 129 -4.84 -14.13 8.34
CA HIS A 129 -4.04 -13.05 8.90
C HIS A 129 -4.94 -11.99 9.54
N MET A 130 -4.30 -11.11 10.32
CA MET A 130 -5.03 -10.16 11.15
C MET A 130 -5.78 -9.11 10.33
N LEU A 131 -5.27 -8.76 9.16
CA LEU A 131 -5.89 -7.71 8.35
C LEU A 131 -7.34 -8.06 8.00
N HIS A 132 -7.66 -9.35 7.86
CA HIS A 132 -9.00 -9.78 7.49
C HIS A 132 -9.85 -10.16 8.70
N SER A 133 -9.45 -9.73 9.89
CA SER A 133 -10.13 -10.11 11.13
C SER A 133 -11.03 -8.98 11.62
N ASP A 134 -12.18 -9.36 12.14
CA ASP A 134 -13.11 -8.41 12.75
C ASP A 134 -12.68 -8.11 14.18
N PRO A 135 -13.09 -6.96 14.73
CA PRO A 135 -12.58 -6.49 16.02
C PRO A 135 -12.75 -7.51 17.15
N PRO A 136 -13.80 -8.35 17.14
CA PRO A 136 -13.85 -9.45 18.12
C PRO A 136 -12.54 -10.22 18.25
N ASP A 137 -12.01 -10.74 17.15
CA ASP A 137 -10.76 -11.49 17.20
C ASP A 137 -9.55 -10.68 16.77
N HIS A 138 -9.75 -9.58 16.03
CA HIS A 138 -8.62 -8.76 15.60
C HIS A 138 -7.93 -8.08 16.78
N THR A 139 -8.69 -7.74 17.83
CA THR A 139 -8.11 -7.02 18.96
C THR A 139 -7.01 -7.83 19.64
N ARG A 140 -7.21 -9.15 19.76
CA ARG A 140 -6.20 -9.98 20.42
C ARG A 140 -4.91 -10.02 19.63
N LEU A 141 -5.00 -10.31 18.33
CA LEU A 141 -3.80 -10.37 17.50
C LEU A 141 -3.12 -9.01 17.39
N ARG A 142 -3.92 -7.94 17.28
CA ARG A 142 -3.34 -6.60 17.16
C ARG A 142 -2.55 -6.22 18.40
N LYS A 143 -3.08 -6.52 19.58
CA LYS A 143 -2.41 -6.11 20.82
C LYS A 143 -1.12 -6.89 21.04
N LEU A 144 -1.12 -8.19 20.74
CA LEU A 144 0.07 -9.01 20.97
C LEU A 144 1.23 -8.54 20.11
N VAL A 145 0.98 -8.22 18.84
CA VAL A 145 2.03 -7.75 17.94
C VAL A 145 2.34 -6.28 18.13
N ASN A 146 1.54 -5.55 18.89
CA ASN A 146 1.71 -4.10 19.02
C ASN A 146 3.04 -3.75 19.69
N LYS A 147 3.43 -4.52 20.72
CA LYS A 147 4.54 -4.11 21.57
C LYS A 147 5.87 -4.05 20.82
N ALA A 148 6.03 -4.88 19.78
CA ALA A 148 7.29 -4.99 19.06
C ALA A 148 7.41 -4.01 17.90
N PHE A 149 6.37 -3.24 17.61
CA PHE A 149 6.40 -2.26 16.52
C PHE A 149 6.40 -0.83 17.05
N THR A 150 7.04 -0.60 18.19
CA THR A 150 7.16 0.74 18.75
C THR A 150 8.12 1.58 17.89
N SER A 151 7.82 2.87 17.79
CA SER A 151 8.68 3.79 17.06
C SER A 151 10.14 3.67 17.49
N ARG A 152 10.39 3.68 18.80
CA ARG A 152 11.77 3.56 19.28
C ARG A 152 12.31 2.15 19.12
N ALA A 153 11.49 1.13 19.42
CA ALA A 153 11.92 -0.24 19.21
C ALA A 153 12.17 -0.53 17.73
N ILE A 154 11.46 0.17 16.84
CA ILE A 154 11.72 0.09 15.41
C ILE A 154 12.99 0.87 15.04
N GLU A 155 13.40 1.83 15.87
CA GLU A 155 14.61 2.59 15.57
C GLU A 155 15.88 1.79 15.81
N LYS A 156 15.80 0.65 16.52
CA LYS A 156 16.97 -0.20 16.67
C LYS A 156 17.49 -0.69 15.33
N LEU A 157 16.59 -0.88 14.36
CA LEU A 157 16.91 -1.38 13.04
C LEU A 157 17.53 -0.32 12.14
N ARG A 158 17.57 0.94 12.57
CA ARG A 158 18.01 2.02 11.71
C ARG A 158 19.46 1.88 11.25
N PRO A 159 20.46 1.70 12.13
CA PRO A 159 21.83 1.52 11.62
C PRO A 159 21.97 0.30 10.74
N GLU A 160 21.25 -0.78 11.07
CA GLU A 160 21.20 -1.92 10.17
C GLU A 160 20.52 -1.57 8.86
N ILE A 161 19.58 -0.62 8.89
CA ILE A 161 18.98 -0.14 7.66
C ILE A 161 19.91 0.82 6.95
N GLU A 162 20.43 1.82 7.67
CA GLU A 162 21.29 2.84 7.09
C GLU A 162 22.44 2.21 6.29
N GLN A 163 23.07 1.19 6.86
CA GLN A 163 24.15 0.50 6.16
C GLN A 163 23.63 -0.24 4.94
N ILE A 164 22.45 -0.86 5.06
CA ILE A 164 21.91 -1.66 3.95
C ILE A 164 21.62 -0.78 2.75
N THR A 165 21.02 0.40 2.97
CA THR A 165 20.79 1.31 1.85
C THR A 165 22.10 1.66 1.16
N GLY A 166 23.11 2.03 1.96
CA GLY A 166 24.34 2.56 1.39
C GLY A 166 25.01 1.64 0.39
N GLU A 167 24.84 0.33 0.55
CA GLU A 167 25.44 -0.62 -0.37
C GLU A 167 24.83 -0.48 -1.77
N LEU A 168 23.51 -0.26 -1.85
CA LEU A 168 22.83 -0.27 -3.14
C LEU A 168 23.24 0.92 -4.00
N LEU A 169 23.44 2.10 -3.38
CA LEU A 169 23.90 3.25 -4.16
C LEU A 169 25.34 3.08 -4.64
N ALA A 170 26.18 2.43 -3.84
CA ALA A 170 27.52 2.09 -4.31
C ALA A 170 27.46 1.08 -5.45
N ALA A 171 26.54 0.13 -5.37
CA ALA A 171 26.32 -0.85 -6.42
C ALA A 171 25.42 -0.33 -7.53
N LEU A 172 25.03 0.94 -7.49
CA LEU A 172 24.18 1.49 -8.53
C LEU A 172 24.93 1.52 -9.87
N PRO A 173 24.21 1.38 -10.99
CA PRO A 173 24.87 1.36 -12.30
C PRO A 173 25.58 2.67 -12.60
N ASP A 174 26.36 2.65 -13.68
CA ASP A 174 27.25 3.75 -14.01
C ASP A 174 26.65 4.73 -15.02
N GLU A 175 25.90 4.22 -16.00
CA GLU A 175 25.42 5.05 -17.09
C GLU A 175 24.27 5.95 -16.63
N ASP A 176 23.90 6.90 -17.51
CA ASP A 176 22.87 7.88 -17.12
C ASP A 176 21.51 7.25 -16.85
N PRO A 177 20.97 6.36 -17.69
CA PRO A 177 19.66 5.76 -17.36
C PRO A 177 19.85 4.64 -16.34
N VAL A 178 19.14 4.74 -15.22
CA VAL A 178 19.41 3.86 -14.09
C VAL A 178 18.17 3.07 -13.68
N ASP A 179 16.98 3.63 -13.94
CA ASP A 179 15.72 3.03 -13.49
C ASP A 179 15.75 2.77 -11.98
N LEU A 180 15.78 3.88 -11.24
CA LEU A 180 15.86 3.92 -9.78
C LEU A 180 14.90 2.94 -9.11
N LEU A 181 13.73 2.74 -9.74
CA LEU A 181 12.74 1.82 -9.20
C LEU A 181 13.30 0.40 -9.12
N ASP A 182 13.99 -0.05 -10.15
CA ASP A 182 14.51 -1.42 -10.16
C ASP A 182 15.71 -1.58 -9.24
N ALA A 183 16.64 -0.62 -9.29
CA ALA A 183 17.97 -0.85 -8.71
C ALA A 183 18.03 -0.56 -7.21
N PHE A 184 17.22 0.37 -6.72
CA PHE A 184 17.22 0.74 -5.30
C PHE A 184 15.87 0.54 -4.65
N ALA A 185 14.79 1.02 -5.27
CA ALA A 185 13.47 0.90 -4.65
C ALA A 185 13.07 -0.57 -4.46
N PHE A 186 13.36 -1.40 -5.46
CA PHE A 186 12.98 -2.82 -5.36
C PHE A 186 13.78 -3.57 -4.29
N PRO A 187 15.12 -3.55 -4.29
CA PRO A 187 15.85 -4.42 -3.35
C PRO A 187 15.75 -3.98 -1.89
N LEU A 188 15.47 -2.70 -1.62
CA LEU A 188 15.53 -2.22 -0.23
C LEU A 188 14.59 -2.97 0.69
N PRO A 189 13.28 -3.08 0.42
CA PRO A 189 12.42 -3.85 1.34
C PRO A 189 12.82 -5.30 1.46
N ILE A 190 13.37 -5.90 0.40
CA ILE A 190 13.76 -7.31 0.45
C ILE A 190 14.82 -7.53 1.51
N ARG A 191 15.82 -6.65 1.58
CA ARG A 191 16.79 -6.75 2.67
C ARG A 191 16.20 -6.29 3.99
N VAL A 192 15.28 -5.32 3.97
CA VAL A 192 14.65 -4.86 5.19
C VAL A 192 13.73 -5.94 5.75
N ILE A 193 12.94 -6.59 4.90
CA ILE A 193 12.07 -7.66 5.39
C ILE A 193 12.91 -8.81 5.94
N CYS A 194 14.05 -9.10 5.29
CA CYS A 194 14.96 -10.11 5.82
C CYS A 194 15.44 -9.74 7.22
N LEU A 195 15.73 -8.45 7.45
CA LEU A 195 16.03 -8.01 8.80
C LEU A 195 14.84 -8.19 9.73
N LEU A 196 13.64 -7.87 9.24
CA LEU A 196 12.45 -7.85 10.09
C LEU A 196 12.23 -9.19 10.77
N LEU A 197 12.03 -10.25 9.98
CA LEU A 197 11.88 -11.58 10.55
C LEU A 197 13.13 -12.07 11.27
N GLY A 198 14.28 -11.42 11.05
CA GLY A 198 15.52 -11.85 11.66
C GLY A 198 16.03 -13.12 11.02
N VAL A 199 16.14 -13.13 9.70
CA VAL A 199 16.69 -14.30 9.01
C VAL A 199 18.16 -14.46 9.39
N PRO A 200 18.63 -15.66 9.68
CA PRO A 200 20.06 -15.86 9.93
C PRO A 200 20.88 -15.52 8.70
N LEU A 201 22.10 -15.02 8.94
CA LEU A 201 22.98 -14.61 7.85
C LEU A 201 23.26 -15.77 6.90
N GLU A 202 23.32 -16.99 7.42
CA GLU A 202 23.59 -18.15 6.57
C GLU A 202 22.44 -18.40 5.60
N GLU A 203 21.19 -18.26 6.07
CA GLU A 203 20.01 -18.55 5.27
C GLU A 203 19.43 -17.29 4.63
N GLN A 204 20.26 -16.28 4.37
CA GLN A 204 19.77 -15.01 3.84
C GLN A 204 19.37 -15.13 2.37
N GLU A 205 20.31 -15.55 1.53
CA GLU A 205 20.09 -15.51 0.08
C GLU A 205 18.93 -16.40 -0.34
N ASN A 206 18.70 -17.51 0.37
CA ASN A 206 17.57 -18.37 0.04
C ASN A 206 16.26 -17.64 0.27
N PHE A 207 16.14 -16.91 1.38
CA PHE A 207 14.91 -16.17 1.67
C PHE A 207 14.67 -15.07 0.65
N LYS A 208 15.71 -14.32 0.28
CA LYS A 208 15.56 -13.25 -0.71
C LYS A 208 15.18 -13.83 -2.07
N SER A 209 15.75 -14.99 -2.42
CA SER A 209 15.36 -15.65 -3.67
C SER A 209 13.89 -16.01 -3.66
N TRP A 210 13.38 -16.50 -2.53
CA TRP A 210 11.95 -16.73 -2.40
C TRP A 210 11.17 -15.43 -2.49
N SER A 211 11.68 -14.36 -1.85
CA SER A 211 10.96 -13.10 -1.82
C SER A 211 10.85 -12.48 -3.20
N LYS A 212 11.97 -12.38 -3.93
CA LYS A 212 11.93 -11.81 -5.26
C LYS A 212 11.09 -12.66 -6.20
N ALA A 213 11.05 -13.97 -5.99
CA ALA A 213 10.17 -14.83 -6.77
C ALA A 213 8.70 -14.54 -6.46
N LEU A 214 8.39 -14.27 -5.19
CA LEU A 214 6.99 -14.07 -4.81
C LEU A 214 6.46 -12.72 -5.29
N VAL A 215 7.31 -11.68 -5.27
CA VAL A 215 6.86 -10.35 -5.64
C VAL A 215 6.87 -10.10 -7.13
N SER A 216 7.46 -11.00 -7.92
CA SER A 216 7.50 -10.87 -9.38
C SER A 216 7.09 -12.20 -9.98
N GLY A 217 5.99 -12.19 -10.74
CA GLY A 217 5.48 -13.41 -11.33
C GLY A 217 6.30 -13.90 -12.52
N ASP A 218 7.52 -14.35 -12.25
CA ASP A 218 8.38 -14.83 -13.33
C ASP A 218 7.78 -16.05 -14.02
N SER A 219 7.29 -17.01 -13.24
CA SER A 219 6.66 -18.20 -13.77
C SER A 219 5.77 -18.80 -12.69
N PRO A 220 4.66 -19.45 -13.08
CA PRO A 220 3.75 -19.99 -12.04
C PRO A 220 4.42 -20.97 -11.09
N ALA A 221 5.34 -21.80 -11.58
CA ALA A 221 5.94 -22.82 -10.74
C ALA A 221 6.97 -22.24 -9.78
N ALA A 222 7.77 -21.27 -10.23
CA ALA A 222 8.82 -20.72 -9.38
C ALA A 222 8.23 -20.02 -8.17
N THR A 223 7.17 -19.22 -8.35
CA THR A 223 6.52 -18.59 -7.21
C THR A 223 5.80 -19.61 -6.35
N ALA A 224 5.20 -20.63 -6.97
CA ALA A 224 4.53 -21.68 -6.19
C ALA A 224 5.51 -22.42 -5.31
N ALA A 225 6.69 -22.76 -5.84
CA ALA A 225 7.72 -23.38 -5.03
C ALA A 225 8.22 -22.44 -3.94
N ALA A 226 8.43 -21.16 -4.29
CA ALA A 226 8.93 -20.19 -3.32
C ALA A 226 7.92 -19.92 -2.22
N SER A 227 6.62 -19.91 -2.54
CA SER A 227 5.61 -19.63 -1.54
C SER A 227 5.58 -20.71 -0.46
N THR A 228 5.58 -21.99 -0.87
CA THR A 228 5.65 -23.06 0.12
C THR A 228 6.96 -23.03 0.88
N ALA A 229 8.07 -22.83 0.17
CA ALA A 229 9.38 -22.86 0.82
C ALA A 229 9.47 -21.79 1.90
N MET A 230 8.89 -20.62 1.67
CA MET A 230 8.96 -19.56 2.66
C MET A 230 8.03 -19.82 3.84
N ILE A 231 6.81 -20.29 3.57
CA ILE A 231 5.86 -20.55 4.66
C ILE A 231 6.37 -21.66 5.55
N GLU A 232 6.88 -22.74 4.97
CA GLU A 232 7.47 -23.82 5.75
C GLU A 232 8.72 -23.35 6.49
N TYR A 233 9.58 -22.59 5.81
CA TYR A 233 10.79 -22.09 6.46
C TYR A 233 10.45 -21.12 7.59
N LEU A 234 9.44 -20.28 7.40
CA LEU A 234 9.01 -19.37 8.46
C LEU A 234 8.54 -20.14 9.67
N GLY A 235 7.77 -21.21 9.46
CA GLY A 235 7.34 -22.04 10.57
C GLY A 235 8.50 -22.68 11.32
N ASP A 236 9.54 -23.08 10.58
CA ASP A 236 10.71 -23.63 11.24
C ASP A 236 11.48 -22.56 12.01
N LEU A 237 11.53 -21.33 11.46
CA LEU A 237 12.13 -20.24 12.20
C LEU A 237 11.32 -19.90 13.45
N ILE A 238 10.00 -20.12 13.39
CA ILE A 238 9.17 -19.92 14.58
C ILE A 238 9.63 -20.85 15.70
N GLU A 239 9.88 -22.11 15.35
CA GLU A 239 10.37 -23.07 16.34
C GLU A 239 11.81 -22.74 16.75
N ARG A 240 12.65 -22.34 15.81
CA ARG A 240 14.05 -22.04 16.12
C ARG A 240 14.16 -20.86 17.09
N LYS A 241 13.39 -19.80 16.85
CA LYS A 241 13.39 -18.65 17.74
C LYS A 241 12.59 -18.87 19.00
N ARG A 242 11.78 -19.93 19.06
CA ARG A 242 10.97 -20.18 20.25
C ARG A 242 11.84 -20.49 21.47
N ARG A 243 12.80 -21.39 21.30
CA ARG A 243 13.70 -21.74 22.40
C ARG A 243 14.98 -20.93 22.40
N THR A 244 15.34 -20.30 21.27
CA THR A 244 16.49 -19.41 21.19
C THR A 244 15.96 -18.03 20.84
N PRO A 245 15.70 -17.19 21.84
CA PRO A 245 15.34 -15.79 21.55
C PRO A 245 16.50 -15.02 20.95
N THR A 246 16.16 -14.01 20.15
CA THR A 246 17.16 -13.21 19.45
C THR A 246 16.64 -11.77 19.39
N ASP A 247 17.56 -10.83 19.14
CA ASP A 247 17.22 -9.41 19.17
C ASP A 247 16.09 -9.05 18.21
N ASP A 248 15.96 -9.74 17.08
CA ASP A 248 15.08 -9.27 16.02
C ASP A 248 13.63 -9.28 16.46
N VAL A 249 12.82 -8.48 15.76
CA VAL A 249 11.45 -8.21 16.20
C VAL A 249 10.57 -9.44 16.09
N LEU A 250 10.82 -10.33 15.13
CA LEU A 250 10.04 -11.57 15.06
C LEU A 250 10.21 -12.38 16.32
N ALA A 251 11.44 -12.48 16.83
CA ALA A 251 11.65 -13.12 18.13
C ALA A 251 10.91 -12.41 19.23
N ALA A 252 10.78 -11.08 19.13
CA ALA A 252 9.95 -10.34 20.07
C ALA A 252 8.49 -10.72 19.91
N LEU A 253 8.04 -10.96 18.68
CA LEU A 253 6.69 -11.46 18.47
C LEU A 253 6.50 -12.83 19.11
N VAL A 254 7.48 -13.71 18.95
CA VAL A 254 7.39 -15.05 19.54
C VAL A 254 7.41 -14.96 21.06
N SER A 255 8.25 -14.08 21.60
CA SER A 255 8.40 -13.96 23.08
C SER A 255 7.17 -13.30 23.67
N ALA A 256 6.26 -12.85 22.83
CA ALA A 256 5.11 -12.07 23.33
C ALA A 256 4.04 -13.00 23.85
N ARG A 257 4.32 -13.70 24.94
CA ARG A 257 3.25 -14.46 25.60
C ARG A 257 2.64 -13.43 26.54
N ASP A 258 2.16 -12.32 26.00
CA ASP A 258 1.74 -11.17 26.84
C ASP A 258 0.49 -11.38 27.69
N VAL A 259 -0.55 -12.00 27.19
CA VAL A 259 -1.82 -12.02 27.99
C VAL A 259 -1.99 -13.40 28.64
N ASP A 260 -0.90 -14.17 28.77
CA ASP A 260 -0.95 -15.58 29.22
C ASP A 260 -1.41 -16.33 27.97
N ASP A 261 -1.49 -15.61 26.86
CA ASP A 261 -1.84 -16.21 25.56
C ASP A 261 -0.72 -15.76 24.65
N ARG A 262 -0.42 -16.55 23.62
CA ARG A 262 0.65 -16.20 22.68
C ARG A 262 0.12 -16.50 21.28
N LEU A 263 0.75 -15.91 20.28
CA LEU A 263 0.34 -16.22 18.89
C LEU A 263 0.64 -17.69 18.65
N THR A 264 -0.27 -18.40 17.97
CA THR A 264 -0.10 -19.82 17.71
C THR A 264 0.87 -20.02 16.54
N GLU A 265 1.40 -21.25 16.46
CA GLU A 265 2.39 -21.56 15.44
C GLU A 265 1.88 -21.21 14.05
N THR A 266 0.58 -21.40 13.81
CA THR A 266 -0.01 -20.91 12.57
C THR A 266 -0.05 -19.39 12.53
N GLU A 267 -0.37 -18.76 13.66
CA GLU A 267 -0.54 -17.31 13.67
C GLU A 267 0.77 -16.57 13.52
N LEU A 268 1.88 -17.15 14.00
CA LEU A 268 3.20 -16.54 13.75
C LEU A 268 3.48 -16.41 12.26
N VAL A 269 3.26 -17.50 11.52
CA VAL A 269 3.54 -17.51 10.09
C VAL A 269 2.59 -16.57 9.35
N SER A 270 1.32 -16.57 9.74
CA SER A 270 0.36 -15.66 9.13
C SER A 270 0.75 -14.21 9.37
N MET A 271 1.17 -13.89 10.60
CA MET A 271 1.63 -12.54 10.91
C MET A 271 2.87 -12.18 10.10
N ALA A 272 3.83 -13.11 10.03
CA ALA A 272 5.08 -12.83 9.32
C ALA A 272 4.84 -12.64 7.82
N PHE A 273 3.97 -13.47 7.23
CA PHE A 273 3.67 -13.33 5.80
C PHE A 273 3.01 -11.99 5.52
N LEU A 274 2.06 -11.59 6.37
CA LEU A 274 1.41 -10.30 6.19
C LEU A 274 2.41 -9.16 6.28
N LEU A 275 3.45 -9.31 7.10
CA LEU A 275 4.52 -8.32 7.14
C LEU A 275 5.24 -8.25 5.80
N PHE A 276 5.45 -9.39 5.16
CA PHE A 276 6.22 -9.43 3.91
C PHE A 276 5.46 -8.76 2.77
N ILE A 277 4.28 -9.29 2.43
CA ILE A 277 3.54 -8.74 1.30
C ILE A 277 2.91 -7.40 1.66
N GLY A 278 2.61 -7.18 2.95
CA GLY A 278 2.04 -5.92 3.37
C GLY A 278 3.03 -4.78 3.51
N GLY A 279 4.32 -5.07 3.34
CA GLY A 279 5.34 -4.05 3.48
C GLY A 279 6.18 -3.85 2.25
N HIS A 280 6.31 -4.88 1.41
CA HIS A 280 7.19 -4.82 0.25
C HIS A 280 6.75 -3.74 -0.74
N GLU A 281 5.59 -3.94 -1.37
CA GLU A 281 5.17 -3.03 -2.44
C GLU A 281 4.91 -1.63 -1.92
N THR A 282 4.44 -1.50 -0.67
CA THR A 282 4.17 -0.19 -0.10
C THR A 282 5.44 0.64 0.01
N THR A 283 6.50 0.05 0.58
CA THR A 283 7.74 0.80 0.75
C THR A 283 8.43 1.09 -0.57
N VAL A 284 8.29 0.19 -1.56
CA VAL A 284 8.88 0.43 -2.87
C VAL A 284 8.26 1.69 -3.50
N ASN A 285 6.93 1.74 -3.54
CA ASN A 285 6.24 2.86 -4.18
C ASN A 285 6.21 4.09 -3.30
N THR A 286 6.43 3.96 -1.99
CA THR A 286 6.68 5.14 -1.17
C THR A 286 7.94 5.86 -1.61
N LEU A 287 9.00 5.10 -1.90
CA LEU A 287 10.21 5.68 -2.45
C LEU A 287 10.00 6.21 -3.85
N GLY A 288 9.36 5.40 -4.72
CA GLY A 288 9.22 5.80 -6.11
C GLY A 288 8.30 6.99 -6.29
N ASN A 289 7.17 7.02 -5.58
CA ASN A 289 6.24 8.14 -5.72
C ASN A 289 6.87 9.44 -5.23
N GLY A 290 7.52 9.39 -4.05
CA GLY A 290 8.16 10.58 -3.53
C GLY A 290 9.27 11.08 -4.42
N THR A 291 10.19 10.19 -4.80
CA THR A 291 11.32 10.58 -5.64
C THR A 291 10.84 11.12 -6.99
N LEU A 292 9.78 10.52 -7.53
CA LEU A 292 9.25 11.00 -8.81
C LEU A 292 8.79 12.45 -8.70
N HIS A 293 8.08 12.79 -7.63
CA HIS A 293 7.57 14.15 -7.53
C HIS A 293 8.72 15.15 -7.50
N LEU A 294 9.63 15.02 -6.53
CA LEU A 294 10.71 16.00 -6.39
C LEU A 294 11.50 16.19 -7.66
N MET A 295 11.48 15.21 -8.57
CA MET A 295 12.15 15.33 -9.86
C MET A 295 11.54 16.42 -10.73
N ARG A 296 10.27 16.77 -10.52
CA ARG A 296 9.69 17.93 -11.17
C ARG A 296 9.30 19.04 -10.20
N ASN A 297 9.48 18.83 -8.89
CA ASN A 297 9.42 19.94 -7.94
C ASN A 297 10.81 20.18 -7.36
N LEU A 298 11.83 20.27 -8.24
CA LEU A 298 13.22 20.33 -7.81
C LEU A 298 13.48 21.44 -6.80
N ASP A 299 12.71 22.54 -6.88
CA ASP A 299 12.85 23.60 -5.88
C ASP A 299 12.50 23.11 -4.49
N GLN A 300 11.74 22.02 -4.37
CA GLN A 300 11.55 21.33 -3.10
C GLN A 300 12.49 20.14 -2.95
N TRP A 301 13.00 19.59 -4.05
CA TRP A 301 14.09 18.61 -3.96
C TRP A 301 15.33 19.25 -3.39
N GLU A 302 15.61 20.50 -3.76
CA GLU A 302 16.69 21.25 -3.13
C GLU A 302 16.40 21.45 -1.65
N ALA A 303 15.31 22.15 -1.33
CA ALA A 303 14.95 22.54 0.03
C ALA A 303 15.12 21.41 1.04
N LEU A 304 14.84 20.18 0.62
CA LEU A 304 15.08 19.03 1.49
C LEU A 304 16.56 18.81 1.76
N ARG A 305 17.42 19.16 0.78
CA ARG A 305 18.86 18.93 0.97
C ARG A 305 19.45 19.89 1.99
N GLN A 306 19.05 21.17 1.94
CA GLN A 306 19.62 22.14 2.87
C GLN A 306 19.13 21.92 4.29
N ASP A 307 17.90 21.43 4.45
CA ASP A 307 17.30 21.24 5.77
C ASP A 307 16.85 19.79 5.89
N ARG A 308 17.54 19.02 6.73
CA ARG A 308 17.20 17.63 6.99
C ARG A 308 16.20 17.46 8.13
N SER A 309 15.81 18.55 8.80
CA SER A 309 14.79 18.47 9.82
C SER A 309 13.38 18.43 9.24
N LEU A 310 13.24 18.64 7.93
CA LEU A 310 11.95 18.58 7.26
C LEU A 310 11.56 17.19 6.80
N LEU A 311 12.49 16.22 6.87
CA LEU A 311 12.20 14.88 6.40
C LEU A 311 11.00 14.22 7.07
N PRO A 312 10.81 14.30 8.39
CA PRO A 312 9.61 13.67 8.98
C PRO A 312 8.30 14.24 8.46
N GLY A 313 8.30 15.46 7.93
CA GLY A 313 7.12 15.99 7.29
C GLY A 313 7.11 15.70 5.80
N ALA A 314 8.31 15.49 5.23
CA ALA A 314 8.40 15.14 3.82
C ALA A 314 7.75 13.79 3.53
N VAL A 315 7.99 12.80 4.39
CA VAL A 315 7.44 11.47 4.18
C VAL A 315 5.92 11.51 4.28
N GLU A 316 5.39 12.22 5.29
CA GLU A 316 3.95 12.35 5.43
C GLU A 316 3.33 13.04 4.21
N GLU A 317 3.98 14.10 3.72
CA GLU A 317 3.48 14.80 2.55
C GLU A 317 3.57 13.92 1.30
N PHE A 318 4.61 13.10 1.19
CA PHE A 318 4.68 12.14 0.09
C PHE A 318 3.49 11.19 0.12
N LEU A 319 3.21 10.62 1.30
CA LEU A 319 2.14 9.64 1.42
C LEU A 319 0.78 10.28 1.17
N ARG A 320 0.59 11.52 1.59
CA ARG A 320 -0.68 12.20 1.37
C ARG A 320 -0.90 12.47 -0.11
N LEU A 321 0.09 13.04 -0.79
CA LEU A 321 -0.09 13.48 -2.17
C LEU A 321 -0.28 12.30 -3.11
N GLU A 322 0.55 11.27 -2.98
CA GLU A 322 0.59 10.15 -3.92
C GLU A 322 0.61 8.81 -3.17
N SER A 323 -0.33 8.64 -2.25
CA SER A 323 -0.52 7.42 -1.46
C SER A 323 -0.26 6.16 -2.27
N PRO A 324 0.65 5.29 -1.81
CA PRO A 324 0.93 4.05 -2.53
C PRO A 324 -0.30 3.17 -2.65
N LEU A 325 -1.19 3.23 -1.68
CA LEU A 325 -2.46 2.50 -1.73
C LEU A 325 -3.54 3.46 -2.19
N LYS A 326 -3.99 3.29 -3.44
CA LYS A 326 -5.12 4.08 -3.93
C LYS A 326 -6.33 3.90 -3.03
N HIS A 327 -6.62 2.66 -2.66
CA HIS A 327 -7.76 2.34 -1.83
C HIS A 327 -7.35 1.33 -0.78
N ALA A 328 -8.07 1.35 0.35
CA ALA A 328 -7.91 0.31 1.34
C ALA A 328 -8.45 -1.01 0.82
N THR A 329 -8.23 -2.08 1.59
CA THR A 329 -8.70 -3.39 1.17
C THR A 329 -10.23 -3.42 1.13
N PHE A 330 -10.77 -4.39 0.38
CA PHE A 330 -12.21 -4.46 0.16
C PHE A 330 -12.95 -4.64 1.48
N ARG A 331 -14.03 -3.87 1.64
CA ARG A 331 -14.86 -3.92 2.83
C ARG A 331 -16.28 -4.30 2.45
N CYS A 332 -16.94 -5.05 3.34
CA CYS A 332 -18.28 -5.55 3.11
C CYS A 332 -19.23 -4.96 4.15
N ALA A 333 -20.43 -4.61 3.70
CA ALA A 333 -21.42 -4.02 4.58
C ALA A 333 -21.96 -5.07 5.54
N THR A 334 -21.76 -4.84 6.84
CA THR A 334 -22.27 -5.78 7.85
C THR A 334 -23.80 -5.67 7.95
N GLU A 335 -24.33 -4.46 7.96
CA GLU A 335 -25.77 -4.22 7.97
C GLU A 335 -26.07 -3.06 7.04
N ASP A 336 -27.35 -2.72 6.92
CA ASP A 336 -27.75 -1.60 6.09
C ASP A 336 -27.08 -0.32 6.57
N LEU A 337 -26.54 0.45 5.62
CA LEU A 337 -25.64 1.55 5.96
C LEU A 337 -25.85 2.70 4.98
N ARG A 338 -25.55 3.90 5.45
CA ARG A 338 -25.67 5.12 4.65
C ARG A 338 -24.32 5.81 4.58
N ILE A 339 -23.88 6.11 3.36
CA ILE A 339 -22.64 6.87 3.14
C ILE A 339 -22.96 8.00 2.18
N GLY A 340 -22.82 9.23 2.65
CA GLY A 340 -23.04 10.39 1.80
C GLY A 340 -24.43 10.47 1.20
N ASP A 341 -25.46 10.19 2.01
CA ASP A 341 -26.85 10.22 1.56
C ASP A 341 -27.08 9.27 0.40
N THR A 342 -26.39 8.12 0.41
CA THR A 342 -26.62 7.04 -0.55
C THR A 342 -26.60 5.74 0.25
N ALA A 343 -27.75 5.09 0.35
CA ALA A 343 -27.86 3.88 1.15
C ALA A 343 -27.04 2.75 0.55
N ILE A 344 -26.35 2.00 1.41
CA ILE A 344 -25.57 0.85 0.99
C ILE A 344 -26.18 -0.40 1.62
N PRO A 345 -26.74 -1.31 0.82
CA PRO A 345 -27.33 -2.52 1.39
C PRO A 345 -26.28 -3.45 1.99
N ALA A 346 -26.73 -4.27 2.92
CA ALA A 346 -25.85 -5.25 3.54
C ALA A 346 -25.38 -6.27 2.51
N GLY A 347 -24.16 -6.76 2.69
CA GLY A 347 -23.58 -7.70 1.75
C GLY A 347 -22.98 -7.08 0.51
N ASP A 348 -23.02 -5.75 0.37
CA ASP A 348 -22.41 -5.06 -0.74
C ASP A 348 -20.95 -4.74 -0.43
N PHE A 349 -20.14 -4.70 -1.48
CA PHE A 349 -18.71 -4.46 -1.34
C PHE A 349 -18.40 -2.99 -1.52
N VAL A 350 -17.53 -2.46 -0.66
CA VAL A 350 -17.23 -1.03 -0.59
C VAL A 350 -15.72 -0.86 -0.69
N LEU A 351 -15.29 0.09 -1.53
CA LEU A 351 -13.88 0.38 -1.75
C LEU A 351 -13.60 1.80 -1.28
N LEU A 352 -12.76 1.95 -0.26
CA LEU A 352 -12.46 3.24 0.34
C LEU A 352 -11.24 3.84 -0.34
N ALA A 353 -11.45 4.91 -1.10
CA ALA A 353 -10.38 5.53 -1.87
C ALA A 353 -9.55 6.42 -0.95
N LEU A 354 -8.41 5.91 -0.50
CA LEU A 354 -7.52 6.71 0.34
C LEU A 354 -6.93 7.89 -0.43
N ALA A 355 -6.59 7.67 -1.70
CA ALA A 355 -6.03 8.75 -2.51
C ALA A 355 -7.03 9.88 -2.70
N SER A 356 -8.32 9.57 -2.76
CA SER A 356 -9.33 10.61 -2.89
C SER A 356 -9.44 11.42 -1.61
N ALA A 357 -9.50 10.75 -0.46
CA ALA A 357 -9.55 11.46 0.81
C ALA A 357 -8.29 12.28 1.04
N ASN A 358 -7.14 11.72 0.69
CA ASN A 358 -5.88 12.45 0.86
C ASN A 358 -5.84 13.70 -0.01
N ARG A 359 -6.43 13.65 -1.21
CA ARG A 359 -6.43 14.81 -2.10
C ARG A 359 -7.78 15.54 -2.08
N ASP A 360 -8.45 15.57 -0.94
CA ASP A 360 -9.67 16.34 -0.79
C ASP A 360 -9.32 17.79 -0.47
N PRO A 361 -9.74 18.76 -1.30
CA PRO A 361 -9.45 20.17 -0.98
C PRO A 361 -10.14 20.65 0.29
N GLU A 362 -11.20 19.98 0.74
CA GLU A 362 -11.88 20.40 1.96
C GLU A 362 -11.07 20.15 3.22
N ARG A 363 -10.10 19.23 3.17
CA ARG A 363 -9.26 18.92 4.30
C ARG A 363 -7.82 19.36 4.14
N PHE A 364 -7.30 19.36 2.91
CA PHE A 364 -5.93 19.78 2.64
C PHE A 364 -5.96 20.83 1.54
N GLY A 365 -5.55 22.05 1.88
CA GLY A 365 -5.51 23.14 0.92
C GLY A 365 -4.60 22.88 -0.26
N ASP A 366 -5.10 23.12 -1.48
CA ASP A 366 -4.39 22.83 -2.72
C ASP A 366 -3.86 21.41 -2.70
N PRO A 367 -4.74 20.40 -2.76
CA PRO A 367 -4.28 19.02 -2.53
C PRO A 367 -3.44 18.44 -3.66
N HIS A 368 -3.43 19.06 -4.84
CA HIS A 368 -2.79 18.47 -6.00
C HIS A 368 -1.34 18.90 -6.19
N THR A 369 -0.79 19.73 -5.32
CA THR A 369 0.60 20.14 -5.40
C THR A 369 1.35 19.71 -4.15
N LEU A 370 2.63 19.41 -4.32
CA LEU A 370 3.48 18.92 -3.25
C LEU A 370 4.01 20.11 -2.45
N ASP A 371 3.59 20.23 -1.19
CA ASP A 371 4.13 21.22 -0.26
C ASP A 371 4.67 20.46 0.94
N VAL A 372 6.01 20.39 1.04
CA VAL A 372 6.65 19.59 2.07
C VAL A 372 6.35 20.10 3.48
N ARG A 373 5.83 21.32 3.62
CA ARG A 373 5.74 22.00 4.90
C ARG A 373 4.33 22.06 5.46
N ARG A 374 3.43 21.14 5.06
CA ARG A 374 2.11 21.17 5.66
C ARG A 374 2.14 20.57 7.06
N PRO A 375 1.24 21.01 7.94
CA PRO A 375 1.01 20.26 9.18
C PRO A 375 0.53 18.85 8.87
N THR A 376 1.00 17.88 9.65
CA THR A 376 0.75 16.47 9.38
C THR A 376 -0.20 15.90 10.42
N GLY A 377 -0.52 14.61 10.24
CA GLY A 377 -1.42 13.89 11.11
C GLY A 377 -2.82 13.71 10.57
N GLY A 378 -3.21 14.47 9.54
CA GLY A 378 -4.55 14.38 8.99
C GLY A 378 -4.69 13.39 7.86
N HIS A 379 -3.57 12.99 7.27
CA HIS A 379 -3.61 12.08 6.14
C HIS A 379 -4.00 10.67 6.59
N VAL A 380 -4.47 9.87 5.64
CA VAL A 380 -4.95 8.52 5.93
C VAL A 380 -4.28 7.52 5.00
N ALA A 381 -3.08 7.85 4.51
CA ALA A 381 -2.35 6.92 3.66
C ALA A 381 -2.03 5.61 4.39
N PHE A 382 -1.84 5.67 5.70
CA PHE A 382 -1.71 4.48 6.53
C PHE A 382 -3.06 3.93 6.96
N GLY A 383 -4.15 4.34 6.30
CA GLY A 383 -5.46 3.93 6.72
C GLY A 383 -5.92 4.66 7.96
N HIS A 384 -6.90 4.06 8.64
CA HIS A 384 -7.46 4.63 9.85
C HIS A 384 -8.19 3.52 10.59
N GLY A 385 -8.54 3.80 11.85
CA GLY A 385 -9.30 2.85 12.64
C GLY A 385 -8.43 1.70 13.16
N ILE A 386 -9.09 0.56 13.37
CA ILE A 386 -8.43 -0.59 14.01
C ILE A 386 -7.31 -1.13 13.14
N HIS A 387 -7.46 -1.08 11.82
CA HIS A 387 -6.47 -1.62 10.90
C HIS A 387 -5.42 -0.60 10.51
N TYR A 388 -5.16 0.39 11.37
CA TYR A 388 -4.09 1.33 11.09
C TYR A 388 -2.78 0.56 10.92
N CYS A 389 -1.99 1.01 9.95
CA CYS A 389 -0.74 0.34 9.57
C CYS A 389 0.11 -0.03 10.78
N LEU A 390 0.30 -1.33 10.95
CA LEU A 390 1.19 -1.82 11.99
C LEU A 390 2.64 -1.46 11.69
N GLY A 391 3.04 -1.56 10.43
CA GLY A 391 4.41 -1.27 10.03
C GLY A 391 4.62 0.19 9.71
N ALA A 392 3.72 1.04 10.21
CA ALA A 392 3.86 2.48 9.97
C ALA A 392 5.17 3.04 10.51
N PRO A 393 5.57 2.80 11.77
CA PRO A 393 6.87 3.36 12.21
C PRO A 393 8.05 2.88 11.39
N LEU A 394 8.04 1.61 10.97
CA LEU A 394 9.09 1.12 10.10
C LEU A 394 9.06 1.82 8.75
N ALA A 395 7.88 1.92 8.16
CA ALA A 395 7.74 2.63 6.89
C ALA A 395 8.08 4.11 7.06
N ARG A 396 7.71 4.71 8.19
CA ARG A 396 8.06 6.09 8.46
C ARG A 396 9.56 6.30 8.34
N MET A 397 10.34 5.59 9.16
CA MET A 397 11.79 5.76 9.15
C MET A 397 12.39 5.41 7.79
N GLU A 398 11.92 4.30 7.19
CA GLU A 398 12.60 3.73 6.03
C GLU A 398 12.82 4.75 4.93
N ALA A 399 11.78 5.53 4.59
CA ALA A 399 11.91 6.51 3.52
C ALA A 399 12.86 7.63 3.90
N GLN A 400 12.79 8.11 5.15
CA GLN A 400 13.70 9.17 5.58
C GLN A 400 15.14 8.72 5.49
N VAL A 401 15.42 7.48 5.90
CA VAL A 401 16.75 6.91 5.68
C VAL A 401 17.03 6.76 4.19
N ALA A 402 16.05 6.25 3.43
CA ALA A 402 16.24 6.07 2.00
C ALA A 402 16.42 7.40 1.30
N PHE A 403 15.51 8.34 1.55
CA PHE A 403 15.63 9.66 0.94
C PHE A 403 16.88 10.38 1.43
N GLY A 404 17.11 10.35 2.75
CA GLY A 404 18.24 11.08 3.31
C GLY A 404 19.58 10.57 2.81
N VAL A 405 19.75 9.25 2.76
CA VAL A 405 20.96 8.68 2.16
C VAL A 405 21.01 9.01 0.68
N LEU A 406 19.85 8.97 0.00
CA LEU A 406 19.74 9.48 -1.35
C LEU A 406 19.93 11.00 -1.40
N LEU A 407 19.75 11.69 -0.28
CA LEU A 407 19.96 13.13 -0.18
C LEU A 407 21.42 13.46 0.10
N ASP A 408 22.03 12.77 1.07
CA ASP A 408 23.42 13.03 1.41
C ASP A 408 24.33 12.81 0.20
N THR A 409 24.06 11.77 -0.57
CA THR A 409 24.82 11.43 -1.75
C THR A 409 24.02 11.75 -3.00
N PHE A 410 24.72 11.74 -4.13
CA PHE A 410 24.11 11.78 -5.46
C PHE A 410 23.09 12.92 -5.62
N PRO A 411 23.45 14.15 -5.25
CA PRO A 411 22.45 15.24 -5.24
C PRO A 411 22.27 15.96 -6.57
N ALA A 412 23.05 15.62 -7.60
CA ALA A 412 22.88 16.18 -8.93
C ALA A 412 21.78 15.48 -9.72
N MET A 413 20.89 14.80 -9.03
CA MET A 413 19.91 13.93 -9.68
C MET A 413 18.90 14.72 -10.49
N ARG A 414 18.50 14.15 -11.63
CA ARG A 414 17.48 14.73 -12.48
C ARG A 414 16.71 13.62 -13.19
N LEU A 415 15.41 13.85 -13.38
CA LEU A 415 14.57 12.88 -14.09
C LEU A 415 15.02 12.72 -15.53
N ALA A 416 14.99 11.48 -16.02
CA ALA A 416 15.58 11.13 -17.31
C ALA A 416 14.60 11.14 -18.46
N VAL A 417 13.31 11.34 -18.20
CA VAL A 417 12.32 11.34 -19.27
C VAL A 417 11.08 12.07 -18.76
N ASP A 418 10.45 12.83 -19.64
CA ASP A 418 9.29 13.61 -19.23
C ASP A 418 8.21 12.69 -18.69
N PRO A 419 7.56 13.05 -17.58
CA PRO A 419 6.59 12.13 -16.95
C PRO A 419 5.41 11.79 -17.83
N GLU A 420 5.14 12.57 -18.87
CA GLU A 420 4.01 12.29 -19.75
C GLU A 420 4.16 10.92 -20.43
N ASP A 421 5.40 10.54 -20.75
CA ASP A 421 5.66 9.23 -21.33
C ASP A 421 5.68 8.11 -20.29
N MET A 422 5.78 8.44 -19.00
CA MET A 422 5.82 7.43 -17.96
C MET A 422 4.43 6.89 -17.66
N ARG A 423 4.39 5.66 -17.19
CA ARG A 423 3.15 4.93 -16.97
C ARG A 423 2.97 4.60 -15.49
N TRP A 424 1.75 4.19 -15.15
CA TRP A 424 1.44 3.66 -13.84
C TRP A 424 0.98 2.22 -13.99
N ARG A 425 1.40 1.37 -13.06
CA ARG A 425 1.06 -0.05 -13.13
C ARG A 425 -0.44 -0.25 -12.93
N THR A 426 -0.98 -1.26 -13.62
CA THR A 426 -2.37 -1.63 -13.49
C THR A 426 -2.55 -2.45 -12.21
N SER A 427 -3.25 -1.89 -11.23
CA SER A 427 -3.39 -2.53 -9.94
C SER A 427 -4.74 -2.18 -9.34
N THR A 428 -5.20 -3.04 -8.43
CA THR A 428 -6.47 -2.81 -7.76
C THR A 428 -6.36 -1.77 -6.64
N LEU A 429 -5.34 -1.92 -5.79
CA LEU A 429 -5.17 -1.06 -4.63
C LEU A 429 -3.88 -0.26 -4.65
N ILE A 430 -2.85 -0.73 -5.31
CA ILE A 430 -1.52 -0.12 -5.25
C ILE A 430 -1.43 0.99 -6.30
N ARG A 431 -0.78 2.09 -5.93
CA ARG A 431 -0.36 3.11 -6.89
C ARG A 431 1.16 3.07 -6.99
N GLY A 432 1.65 2.54 -8.11
CA GLY A 432 3.07 2.43 -8.33
C GLY A 432 3.40 2.63 -9.79
N LEU A 433 4.68 2.86 -10.05
CA LEU A 433 5.17 3.16 -11.39
C LEU A 433 5.79 1.92 -12.01
N HIS A 434 5.65 1.81 -13.33
CA HIS A 434 6.34 0.73 -14.06
C HIS A 434 7.84 0.91 -13.94
N SER A 435 8.33 2.13 -14.03
CA SER A 435 9.75 2.41 -13.92
C SER A 435 9.94 3.85 -13.45
N LEU A 436 11.14 4.12 -12.93
CA LEU A 436 11.55 5.47 -12.57
C LEU A 436 12.88 5.73 -13.26
N PRO A 437 12.84 6.08 -14.55
CA PRO A 437 14.09 6.41 -15.27
C PRO A 437 14.66 7.71 -14.75
N VAL A 438 15.90 7.68 -14.26
CA VAL A 438 16.56 8.85 -13.71
C VAL A 438 17.91 9.00 -14.38
N ARG A 439 18.41 10.24 -14.39
CA ARG A 439 19.76 10.55 -14.84
C ARG A 439 20.55 11.04 -13.63
N LEU A 440 21.66 10.35 -13.33
CA LEU A 440 22.43 10.69 -12.14
C LEU A 440 23.06 12.07 -12.26
N ASN A 441 23.60 12.40 -13.44
CA ASN A 441 24.14 13.73 -13.73
C ASN A 441 25.17 14.20 -12.71
#